data_2PVJ
#
_entry.id   2PVJ
#
_cell.length_a   143.409
_cell.length_b   60.029
_cell.length_c   45.122
_cell.angle_alpha   90.000
_cell.angle_beta   102.727
_cell.angle_gamma   90.000
#
_symmetry.space_group_name_H-M   'C 1 2 1'
#
loop_
_entity.id
_entity.type
_entity.pdbx_description
1 polymer 'Casein kinase II subunit alpha'
2 non-polymer 2-(CYCLOHEXYLMETHYLAMINO)-4-(PHENYLAMINO)PYRAZOLO[1,5-A][1,3,5]TRIAZINE-8-CARBONITRILE
3 water water
#
_entity_poly.entity_id   1
_entity_poly.type   'polypeptide(L)'
_entity_poly.pdbx_seq_one_letter_code
;MGSSHHHHHHSSGLVPRGSHMSKARVYADVNVLRPKEYWDYEALTVQWGEQDDYEVVRKVGRGKYSEVFEGINVNNNEKC
IIKILKPVKKKKIKREIKILQNL(CSO)GGPNIVKLLDIVRDQHSKTPSLIFEYVNNTDFKVLYPTLTDYDIRYYIYELL
KALDYCHSQGIMHRDVKPHNVMIDHELRKLRLIDWGLAEFYHPGKEYNVRVASRYFKGPELLVDLQDYDYSLDMWSLGCM
FAGMIFRKEPFFYGHDNHDQLVKIAKVLGTDGLNAYLNKYRIELDPQLEALVGRHSRKPWLKFMNADNQHLVSPEAIDFL
DKLLRYDHQERLTALEAMTHPYFQQVRAAENSRTRA
;
_entity_poly.pdbx_strand_id   A
#
# COMPACT_ATOMS: atom_id res chain seq x y z
N MET A 21 -13.08 -20.86 0.31
CA MET A 21 -12.56 -20.44 -1.03
C MET A 21 -12.94 -19.00 -1.32
N SER A 22 -11.95 -18.12 -1.37
CA SER A 22 -12.20 -16.71 -1.62
C SER A 22 -11.57 -16.24 -2.93
N LYS A 23 -12.23 -15.31 -3.61
CA LYS A 23 -11.71 -14.75 -4.85
C LYS A 23 -12.07 -13.27 -4.94
N ALA A 24 -11.27 -12.53 -5.69
CA ALA A 24 -11.52 -11.10 -5.87
C ALA A 24 -12.85 -10.92 -6.59
N ARG A 25 -13.58 -9.86 -6.23
CA ARG A 25 -14.87 -9.56 -6.86
C ARG A 25 -14.73 -8.79 -8.17
N VAL A 26 -13.52 -8.26 -8.40
CA VAL A 26 -13.23 -7.53 -9.64
C VAL A 26 -11.82 -7.91 -10.12
N TYR A 27 -11.58 -7.74 -11.41
CA TYR A 27 -10.27 -8.02 -12.01
C TYR A 27 -9.71 -9.41 -11.70
N ALA A 28 -10.60 -10.36 -11.43
CA ALA A 28 -10.16 -11.71 -11.09
C ALA A 28 -9.42 -12.43 -12.20
N ASP A 29 -9.83 -12.21 -13.45
CA ASP A 29 -9.22 -12.93 -14.58
C ASP A 29 -8.18 -12.16 -15.41
N VAL A 30 -7.66 -11.06 -14.88
CA VAL A 30 -6.69 -10.30 -15.63
C VAL A 30 -5.48 -11.13 -16.05
N ASN A 31 -4.89 -11.88 -15.12
CA ASN A 31 -3.74 -12.68 -15.48
C ASN A 31 -4.11 -13.99 -16.19
N VAL A 32 -5.37 -14.39 -16.09
CA VAL A 32 -5.82 -15.61 -16.75
C VAL A 32 -5.88 -15.35 -18.26
N LEU A 33 -6.32 -14.15 -18.62
CA LEU A 33 -6.46 -13.77 -20.03
C LEU A 33 -5.19 -13.30 -20.70
N ARG A 34 -4.24 -12.77 -19.92
CA ARG A 34 -3.00 -12.30 -20.50
C ARG A 34 -2.01 -13.44 -20.70
N PRO A 35 -1.05 -13.27 -21.62
CA PRO A 35 -0.05 -14.31 -21.89
C PRO A 35 1.04 -14.39 -20.83
N LYS A 36 1.85 -15.43 -20.91
CA LYS A 36 2.95 -15.65 -19.97
C LYS A 36 3.98 -14.52 -19.98
N GLU A 37 4.07 -13.81 -21.10
CA GLU A 37 5.02 -12.71 -21.19
C GLU A 37 4.67 -11.63 -20.17
N TYR A 38 3.44 -11.67 -19.67
CA TYR A 38 3.00 -10.67 -18.70
C TYR A 38 3.26 -11.01 -17.23
N TRP A 39 2.82 -12.19 -16.81
CA TRP A 39 2.96 -12.62 -15.41
C TRP A 39 4.07 -13.60 -15.06
N ASP A 40 4.73 -14.17 -16.06
CA ASP A 40 5.81 -15.12 -15.80
C ASP A 40 7.09 -14.32 -15.54
N TYR A 41 7.12 -13.61 -14.41
CA TYR A 41 8.25 -12.77 -14.07
C TYR A 41 9.60 -13.47 -13.93
N GLU A 42 9.59 -14.75 -13.58
CA GLU A 42 10.85 -15.46 -13.45
C GLU A 42 11.56 -15.64 -14.79
N ALA A 43 10.82 -15.47 -15.88
CA ALA A 43 11.38 -15.61 -17.22
C ALA A 43 12.09 -14.35 -17.68
N LEU A 44 11.95 -13.28 -16.91
CA LEU A 44 12.56 -12.00 -17.23
C LEU A 44 14.08 -12.05 -17.30
N THR A 45 14.65 -11.35 -18.27
CA THR A 45 16.10 -11.26 -18.40
C THR A 45 16.41 -9.80 -18.12
N VAL A 46 17.06 -9.55 -16.98
CA VAL A 46 17.39 -8.19 -16.59
C VAL A 46 18.41 -7.54 -17.51
N GLN A 47 18.09 -6.35 -17.99
CA GLN A 47 18.98 -5.60 -18.87
C GLN A 47 19.64 -4.54 -18.01
N TRP A 48 20.93 -4.72 -17.74
CA TRP A 48 21.65 -3.77 -16.89
C TRP A 48 22.06 -2.48 -17.60
N GLY A 49 21.94 -1.37 -16.89
CA GLY A 49 22.32 -0.08 -17.44
C GLY A 49 23.74 0.22 -17.03
N GLU A 50 24.13 1.49 -17.07
CA GLU A 50 25.48 1.88 -16.69
C GLU A 50 25.50 2.64 -15.37
N GLN A 51 26.22 2.10 -14.38
CA GLN A 51 26.32 2.73 -13.08
C GLN A 51 26.85 4.16 -13.17
N ASP A 52 27.81 4.36 -14.07
CA ASP A 52 28.42 5.68 -14.23
C ASP A 52 27.48 6.78 -14.70
N ASP A 53 26.27 6.43 -15.12
CA ASP A 53 25.32 7.44 -15.56
C ASP A 53 24.69 8.14 -14.36
N TYR A 54 24.81 7.53 -13.18
CA TYR A 54 24.21 8.07 -11.98
C TYR A 54 25.20 8.29 -10.84
N GLU A 55 25.04 9.40 -10.13
CA GLU A 55 25.92 9.72 -9.00
C GLU A 55 25.09 10.13 -7.80
N VAL A 56 25.57 9.76 -6.61
CA VAL A 56 24.90 10.07 -5.36
C VAL A 56 25.06 11.54 -4.98
N VAL A 57 23.97 12.16 -4.54
CA VAL A 57 23.98 13.55 -4.12
C VAL A 57 23.87 13.61 -2.59
N ARG A 58 22.99 12.81 -2.02
CA ARG A 58 22.80 12.77 -0.57
C ARG A 58 21.94 11.57 -0.20
N LYS A 59 22.18 11.00 0.97
CA LYS A 59 21.39 9.88 1.43
C LYS A 59 20.08 10.46 1.95
N VAL A 60 18.95 9.85 1.60
CA VAL A 60 17.66 10.34 2.06
C VAL A 60 16.89 9.34 2.90
N GLY A 61 17.31 8.08 2.88
CA GLY A 61 16.62 7.08 3.67
C GLY A 61 17.29 5.72 3.70
N ARG A 62 16.77 4.85 4.54
CA ARG A 62 17.29 3.50 4.68
C ARG A 62 16.18 2.57 5.13
N GLY A 63 16.38 1.28 4.92
CA GLY A 63 15.37 0.30 5.30
C GLY A 63 15.99 -1.07 5.33
N LYS A 64 15.20 -2.08 5.66
CA LYS A 64 15.73 -3.44 5.70
C LYS A 64 16.02 -3.96 4.29
N TYR A 65 15.44 -3.34 3.28
CA TYR A 65 15.63 -3.77 1.90
C TYR A 65 16.66 -2.99 1.09
N SER A 66 16.90 -1.73 1.45
CA SER A 66 17.86 -0.93 0.69
C SER A 66 18.21 0.40 1.36
N GLU A 67 19.26 1.03 0.84
CA GLU A 67 19.69 2.34 1.31
C GLU A 67 19.30 3.25 0.15
N VAL A 68 18.67 4.37 0.48
CA VAL A 68 18.17 5.28 -0.53
C VAL A 68 18.88 6.63 -0.60
N PHE A 69 19.23 7.04 -1.81
CA PHE A 69 19.92 8.30 -2.01
C PHE A 69 19.28 9.15 -3.09
N GLU A 70 19.43 10.46 -2.95
CA GLU A 70 18.95 11.37 -3.99
C GLU A 70 20.14 11.30 -4.93
N GLY A 71 19.88 11.14 -6.21
CA GLY A 71 20.98 11.06 -7.16
C GLY A 71 20.73 11.99 -8.33
N ILE A 72 21.64 11.95 -9.29
CA ILE A 72 21.50 12.77 -10.48
C ILE A 72 22.05 12.00 -11.66
N ASN A 73 21.38 12.13 -12.80
CA ASN A 73 21.82 11.49 -14.04
C ASN A 73 22.83 12.47 -14.64
N VAL A 74 24.09 12.06 -14.69
CA VAL A 74 25.15 12.91 -15.22
C VAL A 74 24.98 13.27 -16.69
N ASN A 75 24.19 12.48 -17.41
CA ASN A 75 23.96 12.72 -18.83
C ASN A 75 23.00 13.88 -19.06
N ASN A 76 21.81 13.79 -18.48
CA ASN A 76 20.78 14.82 -18.66
C ASN A 76 20.63 15.76 -17.46
N ASN A 77 21.43 15.55 -16.42
CA ASN A 77 21.37 16.38 -15.22
C ASN A 77 20.01 16.35 -14.52
N GLU A 78 19.25 15.28 -14.74
CA GLU A 78 17.95 15.16 -14.10
C GLU A 78 18.08 14.40 -12.79
N LYS A 79 17.28 14.81 -11.80
CA LYS A 79 17.30 14.16 -10.49
C LYS A 79 16.71 12.76 -10.55
N CYS A 80 17.10 11.92 -9.59
CA CYS A 80 16.59 10.56 -9.53
C CYS A 80 16.76 10.04 -8.12
N ILE A 81 16.26 8.83 -7.89
CA ILE A 81 16.38 8.18 -6.59
C ILE A 81 17.09 6.86 -6.81
N ILE A 82 18.17 6.65 -6.08
CA ILE A 82 18.96 5.45 -6.20
C ILE A 82 18.75 4.58 -4.97
N LYS A 83 18.29 3.35 -5.19
CA LYS A 83 18.09 2.44 -4.08
C LYS A 83 19.09 1.31 -4.23
N ILE A 84 20.08 1.28 -3.35
CA ILE A 84 21.11 0.25 -3.38
C ILE A 84 20.55 -0.90 -2.56
N LEU A 85 20.27 -2.00 -3.24
CA LEU A 85 19.66 -3.16 -2.59
C LEU A 85 20.61 -4.02 -1.78
N LYS A 86 20.11 -4.50 -0.65
CA LYS A 86 20.88 -5.40 0.19
C LYS A 86 20.64 -6.75 -0.47
N PRO A 87 21.45 -7.76 -0.12
CA PRO A 87 21.27 -9.10 -0.72
C PRO A 87 19.82 -9.51 -0.93
N VAL A 88 19.48 -9.85 -2.18
CA VAL A 88 18.12 -10.25 -2.51
C VAL A 88 18.16 -11.43 -3.48
N LYS A 89 17.18 -12.33 -3.37
CA LYS A 89 17.11 -13.49 -4.24
C LYS A 89 16.70 -13.10 -5.66
N LYS A 90 17.22 -13.83 -6.64
CA LYS A 90 16.92 -13.57 -8.04
C LYS A 90 15.42 -13.51 -8.32
N LYS A 91 14.68 -14.47 -7.76
CA LYS A 91 13.24 -14.54 -7.95
C LYS A 91 12.55 -13.26 -7.48
N LYS A 92 12.91 -12.81 -6.28
CA LYS A 92 12.29 -11.62 -5.72
C LYS A 92 12.57 -10.34 -6.50
N ILE A 93 13.82 -10.12 -6.90
CA ILE A 93 14.12 -8.89 -7.64
C ILE A 93 13.47 -8.91 -9.02
N LYS A 94 13.38 -10.08 -9.63
CA LYS A 94 12.74 -10.17 -10.94
C LYS A 94 11.27 -9.80 -10.83
N ARG A 95 10.66 -10.18 -9.71
CA ARG A 95 9.25 -9.89 -9.49
C ARG A 95 9.03 -8.39 -9.40
N GLU A 96 9.87 -7.69 -8.64
CA GLU A 96 9.73 -6.25 -8.49
C GLU A 96 9.95 -5.55 -9.84
N ILE A 97 10.97 -5.96 -10.57
CA ILE A 97 11.25 -5.35 -11.86
C ILE A 97 10.13 -5.57 -12.85
N LYS A 98 9.64 -6.79 -12.95
CA LYS A 98 8.58 -7.10 -13.91
C LYS A 98 7.31 -6.29 -13.62
N ILE A 99 6.96 -6.19 -12.34
CA ILE A 99 5.77 -5.45 -11.95
C ILE A 99 5.93 -3.96 -12.28
N LEU A 100 7.10 -3.40 -11.98
CA LEU A 100 7.35 -2.00 -12.28
C LEU A 100 7.23 -1.75 -13.79
N GLN A 101 7.74 -2.68 -14.59
CA GLN A 101 7.66 -2.53 -16.05
C GLN A 101 6.22 -2.66 -16.54
N ASN A 102 5.48 -3.61 -15.99
CA ASN A 102 4.08 -3.82 -16.39
C ASN A 102 3.21 -2.61 -16.06
N LEU A 103 3.54 -1.93 -14.98
CA LEU A 103 2.75 -0.78 -14.54
C LEU A 103 3.25 0.56 -15.06
N GLY A 105 3.84 3.93 -16.72
CA GLY A 105 2.94 4.88 -17.33
C GLY A 105 1.57 4.99 -16.67
N GLY A 106 1.29 4.10 -15.71
CA GLY A 106 0.00 4.14 -15.03
C GLY A 106 -0.10 5.34 -14.12
N PRO A 107 -1.32 5.80 -13.79
CA PRO A 107 -1.54 6.96 -12.92
C PRO A 107 -0.84 6.86 -11.56
N ASN A 108 0.05 7.81 -11.31
CA ASN A 108 0.79 7.88 -10.05
C ASN A 108 1.63 6.67 -9.66
N ILE A 109 2.04 5.88 -10.64
CA ILE A 109 2.89 4.72 -10.40
C ILE A 109 4.33 5.19 -10.58
N VAL A 110 5.17 5.01 -9.56
CA VAL A 110 6.56 5.44 -9.67
C VAL A 110 7.23 4.82 -10.90
N LYS A 111 8.08 5.61 -11.56
CA LYS A 111 8.78 5.15 -12.75
C LYS A 111 10.14 4.57 -12.46
N LEU A 112 10.40 3.38 -12.97
CA LEU A 112 11.70 2.74 -12.82
C LEU A 112 12.50 3.25 -14.02
N LEU A 113 13.56 3.99 -13.76
CA LEU A 113 14.38 4.55 -14.84
C LEU A 113 15.47 3.62 -15.32
N ASP A 114 16.10 2.89 -14.39
CA ASP A 114 17.18 2.00 -14.78
C ASP A 114 17.47 0.95 -13.70
N ILE A 115 18.29 -0.02 -14.06
CA ILE A 115 18.68 -1.10 -13.17
C ILE A 115 20.18 -1.31 -13.41
N VAL A 116 21.00 -1.12 -12.39
CA VAL A 116 22.44 -1.31 -12.55
C VAL A 116 23.04 -2.16 -11.44
N ARG A 117 24.26 -2.62 -11.63
CA ARG A 117 24.91 -3.46 -10.64
C ARG A 117 26.41 -3.21 -10.59
N ASP A 118 26.99 -3.42 -9.41
CA ASP A 118 28.43 -3.26 -9.23
C ASP A 118 29.07 -4.58 -9.62
N GLN A 119 30.06 -4.53 -10.51
CA GLN A 119 30.73 -5.72 -10.99
C GLN A 119 31.36 -6.59 -9.90
N HIS A 120 32.24 -6.02 -9.10
CA HIS A 120 32.94 -6.76 -8.06
C HIS A 120 32.06 -7.36 -6.97
N SER A 121 31.08 -6.60 -6.49
CA SER A 121 30.21 -7.08 -5.42
C SER A 121 28.88 -7.64 -5.91
N LYS A 122 28.52 -7.29 -7.14
CA LYS A 122 27.26 -7.75 -7.73
C LYS A 122 26.07 -7.15 -7.00
N THR A 123 26.31 -6.05 -6.31
CA THR A 123 25.26 -5.35 -5.58
C THR A 123 24.43 -4.59 -6.61
N PRO A 124 23.12 -4.86 -6.67
CA PRO A 124 22.28 -4.15 -7.64
C PRO A 124 21.64 -2.89 -7.07
N SER A 125 21.34 -1.94 -7.97
CA SER A 125 20.70 -0.69 -7.57
C SER A 125 19.55 -0.40 -8.52
N LEU A 126 18.42 0.01 -7.96
CA LEU A 126 17.26 0.36 -8.78
C LEU A 126 17.20 1.89 -8.84
N ILE A 127 17.07 2.43 -10.06
CA ILE A 127 17.02 3.89 -10.25
C ILE A 127 15.58 4.33 -10.54
N PHE A 128 15.04 5.21 -9.70
CA PHE A 128 13.67 5.69 -9.84
C PHE A 128 13.58 7.19 -10.08
N GLU A 129 12.40 7.64 -10.46
CA GLU A 129 12.16 9.06 -10.66
C GLU A 129 12.24 9.69 -9.28
N TYR A 130 12.66 10.96 -9.23
CA TYR A 130 12.77 11.68 -7.98
C TYR A 130 11.48 12.40 -7.61
N VAL A 131 11.07 12.29 -6.35
CA VAL A 131 9.89 13.00 -5.86
C VAL A 131 10.36 13.73 -4.61
N ASN A 132 10.14 15.04 -4.55
CA ASN A 132 10.57 15.83 -3.40
C ASN A 132 9.60 15.64 -2.25
N ASN A 133 9.73 14.49 -1.59
CA ASN A 133 8.88 14.10 -0.49
C ASN A 133 9.12 14.82 0.84
N THR A 134 8.04 15.05 1.59
CA THR A 134 8.14 15.65 2.92
C THR A 134 7.67 14.59 3.92
N ASP A 135 8.48 14.36 4.94
CA ASP A 135 8.18 13.39 6.00
C ASP A 135 6.68 13.47 6.29
N PHE A 136 5.98 12.34 6.21
CA PHE A 136 4.55 12.36 6.46
C PHE A 136 4.22 12.80 7.87
N LYS A 137 5.15 12.60 8.79
CA LYS A 137 4.93 13.00 10.18
C LYS A 137 4.88 14.52 10.28
N VAL A 138 5.47 15.20 9.30
CA VAL A 138 5.46 16.66 9.27
C VAL A 138 4.40 17.19 8.30
N LEU A 139 4.25 16.51 7.17
CA LEU A 139 3.29 16.92 6.15
C LEU A 139 1.82 16.71 6.52
N TYR A 140 1.46 15.50 6.92
CA TYR A 140 0.07 15.20 7.24
C TYR A 140 -0.62 16.18 8.20
N PRO A 141 0.09 16.59 9.28
CA PRO A 141 -0.53 17.54 10.22
C PRO A 141 -0.90 18.88 9.62
N THR A 142 -0.32 19.23 8.47
CA THR A 142 -0.63 20.50 7.83
C THR A 142 -1.66 20.38 6.72
N LEU A 143 -2.06 19.15 6.39
CA LEU A 143 -3.02 18.95 5.32
C LEU A 143 -4.42 19.42 5.72
N THR A 144 -5.09 20.10 4.79
CA THR A 144 -6.45 20.58 5.04
C THR A 144 -7.42 19.44 4.70
N ASP A 145 -8.70 19.66 4.96
CA ASP A 145 -9.71 18.65 4.64
C ASP A 145 -9.61 18.30 3.17
N TYR A 146 -9.59 19.34 2.33
CA TYR A 146 -9.51 19.12 0.89
C TYR A 146 -8.23 18.40 0.47
N ASP A 147 -7.12 18.76 1.09
CA ASP A 147 -5.83 18.12 0.75
C ASP A 147 -5.91 16.62 0.95
N ILE A 148 -6.53 16.22 2.06
CA ILE A 148 -6.67 14.81 2.38
C ILE A 148 -7.49 14.12 1.30
N ARG A 149 -8.62 14.72 0.93
CA ARG A 149 -9.47 14.13 -0.09
C ARG A 149 -8.72 14.04 -1.41
N TYR A 150 -7.99 15.09 -1.75
CA TYR A 150 -7.23 15.13 -2.99
C TYR A 150 -6.14 14.05 -3.07
N TYR A 151 -5.28 13.99 -2.07
CA TYR A 151 -4.20 13.01 -2.07
C TYR A 151 -4.68 11.56 -2.00
N ILE A 152 -5.73 11.31 -1.22
CA ILE A 152 -6.25 9.96 -1.13
C ILE A 152 -6.83 9.58 -2.49
N TYR A 153 -7.49 10.53 -3.15
CA TYR A 153 -8.05 10.25 -4.47
C TYR A 153 -6.93 9.88 -5.45
N GLU A 154 -5.83 10.63 -5.40
CA GLU A 154 -4.70 10.37 -6.27
C GLU A 154 -4.10 8.99 -5.98
N LEU A 155 -4.05 8.61 -4.72
CA LEU A 155 -3.52 7.30 -4.35
C LEU A 155 -4.47 6.22 -4.87
N LEU A 156 -5.77 6.49 -4.81
CA LEU A 156 -6.75 5.52 -5.30
C LEU A 156 -6.59 5.26 -6.79
N LYS A 157 -6.21 6.28 -7.56
CA LYS A 157 -6.01 6.11 -8.99
C LYS A 157 -4.93 5.05 -9.22
N ALA A 158 -3.88 5.12 -8.41
CA ALA A 158 -2.77 4.19 -8.53
C ALA A 158 -3.19 2.78 -8.18
N LEU A 159 -4.01 2.64 -7.14
CA LEU A 159 -4.45 1.32 -6.71
C LEU A 159 -5.43 0.71 -7.70
N ASP A 160 -6.40 1.48 -8.18
CA ASP A 160 -7.33 0.91 -9.15
C ASP A 160 -6.55 0.51 -10.38
N TYR A 161 -5.54 1.30 -10.73
CA TYR A 161 -4.76 0.96 -11.91
C TYR A 161 -4.00 -0.36 -11.73
N CYS A 162 -3.23 -0.49 -10.66
CA CYS A 162 -2.48 -1.73 -10.51
C CYS A 162 -3.39 -2.94 -10.34
N HIS A 163 -4.51 -2.76 -9.63
CA HIS A 163 -5.45 -3.87 -9.46
C HIS A 163 -6.02 -4.25 -10.84
N SER A 164 -6.29 -3.25 -11.68
CA SER A 164 -6.83 -3.52 -13.01
C SER A 164 -5.79 -4.23 -13.87
N GLN A 165 -4.52 -4.12 -13.47
CA GLN A 165 -3.45 -4.77 -14.21
C GLN A 165 -3.06 -6.08 -13.54
N GLY A 166 -3.95 -6.57 -12.68
CA GLY A 166 -3.74 -7.85 -12.00
C GLY A 166 -2.65 -7.89 -10.95
N ILE A 167 -2.35 -6.75 -10.33
CA ILE A 167 -1.30 -6.68 -9.32
C ILE A 167 -1.78 -6.12 -7.99
N MET A 168 -1.35 -6.74 -6.90
CA MET A 168 -1.66 -6.30 -5.53
C MET A 168 -0.38 -5.65 -5.02
N HIS A 169 -0.47 -4.45 -4.45
CA HIS A 169 0.73 -3.78 -3.95
C HIS A 169 1.24 -4.46 -2.68
N ARG A 170 0.32 -4.74 -1.75
CA ARG A 170 0.62 -5.42 -0.49
C ARG A 170 1.52 -4.71 0.53
N ASP A 171 1.75 -3.42 0.36
CA ASP A 171 2.56 -2.69 1.33
C ASP A 171 2.21 -1.20 1.31
N VAL A 172 0.92 -0.92 1.23
CA VAL A 172 0.46 0.47 1.24
C VAL A 172 0.65 1.02 2.64
N LYS A 173 1.35 2.14 2.73
CA LYS A 173 1.61 2.81 4.00
C LYS A 173 2.18 4.18 3.65
N PRO A 174 2.16 5.13 4.60
CA PRO A 174 2.69 6.46 4.31
C PRO A 174 4.11 6.45 3.75
N HIS A 175 4.96 5.55 4.27
CA HIS A 175 6.34 5.46 3.80
C HIS A 175 6.46 5.11 2.32
N ASN A 176 5.41 4.54 1.74
CA ASN A 176 5.45 4.17 0.33
C ASN A 176 4.61 5.07 -0.56
N VAL A 177 4.25 6.23 -0.02
CA VAL A 177 3.49 7.22 -0.77
C VAL A 177 4.30 8.51 -0.74
N MET A 178 4.99 8.77 -1.84
CA MET A 178 5.82 9.98 -1.95
C MET A 178 4.92 11.12 -2.39
N ILE A 179 5.03 12.24 -1.68
CA ILE A 179 4.23 13.42 -2.00
C ILE A 179 5.06 14.68 -2.03
N ASP A 180 5.08 15.34 -3.17
CA ASP A 180 5.76 16.62 -3.32
C ASP A 180 4.58 17.56 -3.11
N HIS A 181 4.45 18.11 -1.91
CA HIS A 181 3.32 18.96 -1.58
C HIS A 181 3.24 20.26 -2.37
N GLU A 182 4.38 20.84 -2.69
CA GLU A 182 4.40 22.08 -3.46
C GLU A 182 3.78 21.85 -4.84
N LEU A 183 4.17 20.75 -5.47
CA LEU A 183 3.67 20.40 -6.80
C LEU A 183 2.38 19.59 -6.75
N ARG A 184 2.00 19.16 -5.55
CA ARG A 184 0.81 18.34 -5.35
C ARG A 184 0.89 17.09 -6.22
N LYS A 185 2.08 16.50 -6.25
CA LYS A 185 2.35 15.29 -7.02
C LYS A 185 2.49 14.10 -6.09
N LEU A 186 1.83 12.99 -6.42
CA LEU A 186 1.89 11.79 -5.59
C LEU A 186 2.35 10.58 -6.38
N ARG A 187 3.13 9.73 -5.74
CA ARG A 187 3.60 8.50 -6.38
C ARG A 187 3.57 7.34 -5.40
N LEU A 188 3.01 6.22 -5.83
CA LEU A 188 2.98 5.00 -5.01
C LEU A 188 4.27 4.29 -5.39
N ILE A 189 5.13 4.06 -4.39
CA ILE A 189 6.43 3.43 -4.63
C ILE A 189 6.65 2.12 -3.91
N ASP A 190 7.86 1.58 -4.11
CA ASP A 190 8.32 0.35 -3.48
C ASP A 190 7.41 -0.84 -3.69
N TRP A 191 7.48 -1.38 -4.90
CA TRP A 191 6.67 -2.51 -5.33
C TRP A 191 7.31 -3.87 -5.05
N GLY A 192 8.31 -3.88 -4.17
CA GLY A 192 9.01 -5.10 -3.82
C GLY A 192 8.20 -6.19 -3.14
N LEU A 193 7.05 -5.82 -2.55
CA LEU A 193 6.21 -6.82 -1.89
C LEU A 193 4.97 -7.12 -2.70
N ALA A 194 4.82 -6.44 -3.83
CA ALA A 194 3.67 -6.64 -4.70
C ALA A 194 3.68 -8.04 -5.33
N GLU A 195 2.51 -8.51 -5.75
CA GLU A 195 2.39 -9.83 -6.39
C GLU A 195 1.29 -9.82 -7.44
N PHE A 196 1.35 -10.79 -8.34
CA PHE A 196 0.34 -10.93 -9.38
C PHE A 196 -0.81 -11.70 -8.75
N TYR A 197 -2.04 -11.28 -9.04
CA TYR A 197 -3.20 -11.97 -8.50
C TYR A 197 -3.70 -13.10 -9.41
N HIS A 198 -3.81 -14.29 -8.84
CA HIS A 198 -4.29 -15.47 -9.56
C HIS A 198 -5.40 -16.06 -8.68
N PRO A 199 -6.61 -16.24 -9.25
CA PRO A 199 -7.75 -16.80 -8.52
C PRO A 199 -7.44 -18.06 -7.73
N GLY A 200 -7.70 -18.02 -6.43
CA GLY A 200 -7.48 -19.17 -5.56
C GLY A 200 -6.07 -19.39 -5.04
N LYS A 201 -5.10 -18.63 -5.54
CA LYS A 201 -3.73 -18.80 -5.09
C LYS A 201 -3.54 -18.46 -3.64
N GLU A 202 -2.76 -19.27 -2.93
CA GLU A 202 -2.49 -19.03 -1.52
C GLU A 202 -1.18 -18.25 -1.42
N TYR A 203 -1.28 -17.02 -0.92
CA TYR A 203 -0.13 -16.15 -0.78
C TYR A 203 0.43 -16.14 0.63
N ASN A 204 1.65 -15.61 0.75
CA ASN A 204 2.33 -15.50 2.03
C ASN A 204 1.65 -14.36 2.77
N VAL A 205 1.31 -14.56 4.05
CA VAL A 205 0.66 -13.50 4.81
C VAL A 205 1.68 -12.55 5.40
N ARG A 206 2.96 -12.88 5.25
CA ARG A 206 4.02 -12.04 5.77
C ARG A 206 4.32 -10.86 4.84
N VAL A 207 3.33 -9.99 4.69
CA VAL A 207 3.45 -8.82 3.83
C VAL A 207 2.88 -7.60 4.54
N ALA A 208 3.07 -6.43 3.93
CA ALA A 208 2.60 -5.17 4.49
C ALA A 208 3.33 -4.86 5.79
N SER A 209 3.12 -3.65 6.29
CA SER A 209 3.74 -3.24 7.55
C SER A 209 2.68 -3.48 8.62
N ARG A 210 3.11 -3.97 9.78
CA ARG A 210 2.18 -4.30 10.86
C ARG A 210 0.95 -3.42 11.06
N TYR A 211 1.14 -2.10 11.20
CA TYR A 211 0.03 -1.19 11.43
C TYR A 211 -0.96 -1.14 10.28
N PHE A 212 -0.57 -1.68 9.13
CA PHE A 212 -1.42 -1.65 7.95
C PHE A 212 -1.84 -3.03 7.45
N LYS A 213 -1.52 -4.06 8.23
CA LYS A 213 -1.88 -5.42 7.84
C LYS A 213 -3.38 -5.65 7.99
N GLY A 214 -4.00 -6.23 6.96
CA GLY A 214 -5.42 -6.48 7.03
C GLY A 214 -5.71 -7.70 7.90
N PRO A 215 -6.95 -7.82 8.41
CA PRO A 215 -7.34 -8.95 9.24
C PRO A 215 -6.99 -10.28 8.58
N GLU A 216 -7.11 -10.34 7.26
CA GLU A 216 -6.80 -11.57 6.55
C GLU A 216 -5.37 -12.06 6.82
N LEU A 217 -4.42 -11.13 6.85
CA LEU A 217 -3.03 -11.53 7.10
C LEU A 217 -2.87 -11.97 8.55
N LEU A 218 -3.59 -11.28 9.44
CA LEU A 218 -3.52 -11.54 10.87
C LEU A 218 -4.19 -12.84 11.34
N VAL A 219 -5.08 -13.40 10.53
CA VAL A 219 -5.74 -14.65 10.91
C VAL A 219 -5.31 -15.79 9.99
N ASP A 220 -4.28 -15.51 9.18
CA ASP A 220 -3.72 -16.48 8.25
C ASP A 220 -4.61 -16.93 7.10
N LEU A 221 -5.41 -16.01 6.56
CA LEU A 221 -6.26 -16.33 5.41
C LEU A 221 -5.35 -16.03 4.22
N GLN A 222 -4.86 -17.09 3.58
CA GLN A 222 -3.92 -16.95 2.47
C GLN A 222 -4.45 -16.60 1.09
N ASP A 223 -5.70 -16.95 0.79
CA ASP A 223 -6.23 -16.64 -0.54
C ASP A 223 -6.88 -15.26 -0.60
N TYR A 224 -6.10 -14.25 -0.24
CA TYR A 224 -6.57 -12.87 -0.24
C TYR A 224 -6.38 -12.24 -1.61
N ASP A 225 -6.77 -10.98 -1.76
CA ASP A 225 -6.67 -10.33 -3.06
C ASP A 225 -6.42 -8.83 -2.97
N TYR A 226 -6.75 -8.12 -4.05
CA TYR A 226 -6.57 -6.68 -4.15
C TYR A 226 -7.15 -5.95 -2.94
N SER A 227 -8.24 -6.49 -2.39
CA SER A 227 -8.90 -5.86 -1.24
C SER A 227 -8.01 -5.62 -0.04
N LEU A 228 -6.88 -6.33 0.02
CA LEU A 228 -5.94 -6.14 1.12
C LEU A 228 -5.45 -4.69 1.12
N ASP A 229 -5.15 -4.18 -0.07
CA ASP A 229 -4.67 -2.81 -0.20
C ASP A 229 -5.69 -1.81 0.28
N MET A 230 -6.97 -2.19 0.19
CA MET A 230 -8.02 -1.27 0.62
C MET A 230 -8.09 -1.15 2.14
N TRP A 231 -7.73 -2.20 2.85
CA TRP A 231 -7.71 -2.12 4.32
C TRP A 231 -6.56 -1.19 4.70
N SER A 232 -5.40 -1.40 4.07
CA SER A 232 -4.22 -0.58 4.34
C SER A 232 -4.54 0.89 4.05
N LEU A 233 -5.22 1.15 2.94
CA LEU A 233 -5.58 2.51 2.59
C LEU A 233 -6.49 3.07 3.68
N GLY A 234 -7.41 2.23 4.15
CA GLY A 234 -8.33 2.65 5.20
C GLY A 234 -7.58 3.06 6.45
N CYS A 235 -6.52 2.32 6.77
CA CYS A 235 -5.72 2.64 7.96
C CYS A 235 -5.04 4.00 7.78
N MET A 236 -4.50 4.24 6.60
CA MET A 236 -3.86 5.52 6.32
C MET A 236 -4.88 6.65 6.42
N PHE A 237 -6.06 6.42 5.85
CA PHE A 237 -7.11 7.42 5.88
C PHE A 237 -7.56 7.72 7.30
N ALA A 238 -7.79 6.68 8.09
CA ALA A 238 -8.21 6.88 9.47
C ALA A 238 -7.15 7.68 10.22
N GLY A 239 -5.88 7.41 9.94
CA GLY A 239 -4.81 8.12 10.60
C GLY A 239 -4.82 9.60 10.27
N MET A 240 -5.12 9.93 9.01
CA MET A 240 -5.16 11.31 8.57
C MET A 240 -6.33 12.12 9.14
N ILE A 241 -7.55 11.60 9.03
CA ILE A 241 -8.70 12.35 9.53
C ILE A 241 -8.84 12.42 11.04
N PHE A 242 -8.35 11.39 11.74
CA PHE A 242 -8.43 11.39 13.20
C PHE A 242 -7.16 11.95 13.83
N ARG A 243 -6.18 12.27 12.99
CA ARG A 243 -4.92 12.83 13.49
C ARG A 243 -4.26 11.89 14.48
N LYS A 244 -4.29 10.59 14.19
CA LYS A 244 -3.67 9.60 15.08
C LYS A 244 -2.81 8.67 14.24
N GLU A 245 -1.49 8.77 14.43
CA GLU A 245 -0.58 7.94 13.67
C GLU A 245 0.25 7.02 14.55
N PRO A 246 0.14 5.69 14.36
CA PRO A 246 -0.74 5.11 13.34
C PRO A 246 -2.10 4.90 14.00
N PHE A 247 -3.13 4.59 13.22
CA PHE A 247 -4.43 4.42 13.83
C PHE A 247 -4.53 3.16 14.69
N PHE A 248 -4.05 2.04 14.15
CA PHE A 248 -4.06 0.78 14.88
C PHE A 248 -2.61 0.53 15.27
N TYR A 249 -2.26 0.89 16.50
CA TYR A 249 -0.90 0.77 17.01
C TYR A 249 -0.62 -0.49 17.84
N GLY A 250 -0.41 -1.61 17.17
CA GLY A 250 -0.11 -2.85 17.86
C GLY A 250 1.40 -3.04 17.93
N HIS A 251 1.88 -3.78 18.93
CA HIS A 251 3.33 -3.99 19.06
C HIS A 251 3.85 -5.27 18.40
N ASP A 252 2.95 -6.17 18.03
CA ASP A 252 3.30 -7.40 17.32
C ASP A 252 2.06 -7.84 16.56
N ASN A 253 2.19 -8.83 15.69
CA ASN A 253 1.05 -9.27 14.89
C ASN A 253 -0.19 -9.68 15.68
N HIS A 254 0.00 -10.32 16.82
CA HIS A 254 -1.14 -10.72 17.62
C HIS A 254 -1.82 -9.48 18.19
N ASP A 255 -1.01 -8.58 18.75
CA ASP A 255 -1.53 -7.35 19.34
C ASP A 255 -2.19 -6.46 18.28
N GLN A 256 -1.74 -6.58 17.04
CA GLN A 256 -2.32 -5.78 15.96
C GLN A 256 -3.78 -6.16 15.80
N LEU A 257 -4.07 -7.46 15.81
CA LEU A 257 -5.45 -7.92 15.66
C LEU A 257 -6.27 -7.46 16.87
N VAL A 258 -5.63 -7.47 18.04
CA VAL A 258 -6.32 -7.02 19.26
C VAL A 258 -6.74 -5.57 19.12
N LYS A 259 -5.83 -4.74 18.64
CA LYS A 259 -6.10 -3.31 18.48
C LYS A 259 -7.28 -3.11 17.53
N ILE A 260 -7.35 -3.92 16.48
CA ILE A 260 -8.43 -3.81 15.51
C ILE A 260 -9.74 -4.25 16.17
N ALA A 261 -9.70 -5.37 16.89
CA ALA A 261 -10.89 -5.91 17.56
C ALA A 261 -11.47 -4.97 18.61
N LYS A 262 -10.61 -4.20 19.28
CA LYS A 262 -11.07 -3.26 20.30
C LYS A 262 -11.82 -2.08 19.68
N VAL A 263 -11.79 -1.98 18.35
CA VAL A 263 -12.48 -0.90 17.66
C VAL A 263 -13.67 -1.44 16.89
N LEU A 264 -13.43 -2.41 16.00
CA LEU A 264 -14.50 -2.98 15.21
C LEU A 264 -15.41 -3.94 15.99
N GLY A 265 -14.93 -4.41 17.14
CA GLY A 265 -15.72 -5.33 17.95
C GLY A 265 -15.45 -6.78 17.60
N THR A 266 -15.58 -7.66 18.58
CA THR A 266 -15.34 -9.08 18.35
C THR A 266 -16.49 -9.79 17.62
N ASP A 267 -17.68 -9.20 17.66
CA ASP A 267 -18.81 -9.82 16.98
C ASP A 267 -18.52 -9.96 15.48
N GLY A 268 -18.04 -8.88 14.89
CA GLY A 268 -17.72 -8.90 13.47
C GLY A 268 -16.56 -9.83 13.15
N LEU A 269 -15.64 -9.97 14.09
CA LEU A 269 -14.49 -10.85 13.89
C LEU A 269 -14.96 -12.29 13.89
N ASN A 270 -15.84 -12.62 14.83
CA ASN A 270 -16.39 -13.97 14.95
C ASN A 270 -17.11 -14.35 13.67
N ALA A 271 -17.94 -13.44 13.17
CA ALA A 271 -18.68 -13.68 11.94
C ALA A 271 -17.71 -13.93 10.79
N TYR A 272 -16.66 -13.11 10.74
CA TYR A 272 -15.62 -13.20 9.72
C TYR A 272 -14.95 -14.58 9.76
N LEU A 273 -14.54 -15.00 10.95
CA LEU A 273 -13.88 -16.28 11.12
C LEU A 273 -14.79 -17.44 10.74
N ASN A 274 -16.07 -17.34 11.07
CA ASN A 274 -17.00 -18.40 10.75
C ASN A 274 -17.24 -18.52 9.26
N LYS A 275 -17.35 -17.39 8.58
CA LYS A 275 -17.58 -17.38 7.14
C LYS A 275 -16.49 -18.09 6.34
N TYR A 276 -15.23 -17.92 6.75
CA TYR A 276 -14.11 -18.53 6.05
C TYR A 276 -13.54 -19.75 6.78
N ARG A 277 -14.27 -20.26 7.76
CA ARG A 277 -13.85 -21.42 8.54
C ARG A 277 -12.43 -21.30 9.07
N ILE A 278 -12.16 -20.18 9.74
CA ILE A 278 -10.84 -19.95 10.30
C ILE A 278 -10.87 -20.12 11.82
N GLU A 279 -9.83 -20.72 12.36
CA GLU A 279 -9.71 -20.95 13.79
C GLU A 279 -8.47 -20.21 14.27
N LEU A 280 -8.66 -19.24 15.17
CA LEU A 280 -7.53 -18.48 15.69
C LEU A 280 -6.68 -19.36 16.59
N ASP A 281 -5.39 -19.08 16.65
CA ASP A 281 -4.52 -19.85 17.52
C ASP A 281 -5.02 -19.57 18.93
N PRO A 282 -5.06 -20.60 19.78
CA PRO A 282 -5.53 -20.46 21.16
C PRO A 282 -4.98 -19.23 21.88
N GLN A 283 -3.68 -18.99 21.74
CA GLN A 283 -3.06 -17.84 22.39
C GLN A 283 -3.63 -16.52 21.87
N LEU A 284 -3.85 -16.47 20.56
CA LEU A 284 -4.39 -15.27 19.92
C LEU A 284 -5.83 -15.01 20.35
N GLU A 285 -6.64 -16.07 20.37
CA GLU A 285 -8.03 -15.95 20.76
C GLU A 285 -8.12 -15.36 22.16
N ALA A 286 -7.23 -15.79 23.04
CA ALA A 286 -7.20 -15.32 24.42
C ALA A 286 -6.86 -13.83 24.50
N LEU A 287 -5.88 -13.41 23.71
CA LEU A 287 -5.47 -12.01 23.70
C LEU A 287 -6.56 -11.10 23.15
N VAL A 288 -7.34 -11.60 22.19
CA VAL A 288 -8.41 -10.81 21.61
C VAL A 288 -9.56 -10.57 22.58
N GLY A 289 -9.91 -11.62 23.34
CA GLY A 289 -10.99 -11.50 24.30
C GLY A 289 -12.30 -11.12 23.63
N ARG A 290 -13.12 -10.34 24.33
CA ARG A 290 -14.41 -9.89 23.80
C ARG A 290 -14.48 -8.38 23.87
N HIS A 291 -14.92 -7.74 22.78
CA HIS A 291 -15.01 -6.29 22.75
C HIS A 291 -16.21 -5.80 21.96
N SER A 292 -16.81 -4.71 22.43
CA SER A 292 -17.96 -4.13 21.75
C SER A 292 -17.44 -3.21 20.65
N ARG A 293 -18.23 -3.06 19.59
CA ARG A 293 -17.85 -2.20 18.48
C ARG A 293 -17.92 -0.75 18.95
N LYS A 294 -16.88 0.03 18.64
CA LYS A 294 -16.81 1.43 19.04
C LYS A 294 -17.12 2.36 17.87
N PRO A 295 -18.14 3.24 18.02
CA PRO A 295 -18.49 4.16 16.95
C PRO A 295 -17.29 5.00 16.53
N TRP A 296 -17.16 5.25 15.23
CA TRP A 296 -16.04 6.04 14.70
C TRP A 296 -15.94 7.44 15.30
N LEU A 297 -17.07 8.00 15.74
CA LEU A 297 -17.07 9.34 16.31
C LEU A 297 -16.44 9.43 17.69
N LYS A 298 -16.19 8.29 18.32
CA LYS A 298 -15.58 8.28 19.64
C LYS A 298 -14.12 8.72 19.56
N PHE A 299 -13.61 8.79 18.33
CA PHE A 299 -12.23 9.19 18.09
C PHE A 299 -12.14 10.66 17.68
N MET A 300 -13.30 11.32 17.69
CA MET A 300 -13.36 12.73 17.33
C MET A 300 -12.96 13.61 18.51
N ASN A 301 -12.18 14.65 18.22
CA ASN A 301 -11.73 15.60 19.24
C ASN A 301 -11.50 16.97 18.61
N ALA A 302 -11.26 17.97 19.44
CA ALA A 302 -11.05 19.34 18.97
C ALA A 302 -9.97 19.46 17.90
N ASP A 303 -8.98 18.56 17.94
CA ASP A 303 -7.89 18.59 16.98
C ASP A 303 -8.25 18.06 15.60
N ASN A 304 -9.14 17.08 15.54
CA ASN A 304 -9.55 16.49 14.26
C ASN A 304 -11.00 16.77 13.93
N GLN A 305 -11.50 17.92 14.36
CA GLN A 305 -12.88 18.25 14.09
C GLN A 305 -13.12 18.75 12.68
N HIS A 306 -12.21 19.56 12.16
CA HIS A 306 -12.39 20.09 10.81
C HIS A 306 -12.14 19.03 9.74
N LEU A 307 -12.03 17.76 10.15
CA LEU A 307 -11.76 16.67 9.20
C LEU A 307 -12.61 15.40 9.31
N VAL A 308 -13.53 15.33 10.26
CA VAL A 308 -14.31 14.10 10.42
C VAL A 308 -15.82 14.16 10.09
N SER A 309 -16.14 14.77 8.95
CA SER A 309 -17.53 14.90 8.51
C SER A 309 -18.20 13.53 8.28
N PRO A 310 -19.53 13.51 8.14
CA PRO A 310 -20.25 12.25 7.93
C PRO A 310 -19.78 11.49 6.68
N GLU A 311 -19.40 12.22 5.63
CA GLU A 311 -18.93 11.59 4.40
C GLU A 311 -17.62 10.85 4.65
N ALA A 312 -16.73 11.47 5.42
CA ALA A 312 -15.44 10.87 5.74
C ALA A 312 -15.65 9.58 6.54
N ILE A 313 -16.53 9.65 7.52
CA ILE A 313 -16.81 8.49 8.35
C ILE A 313 -17.45 7.37 7.53
N ASP A 314 -18.42 7.73 6.70
CA ASP A 314 -19.10 6.71 5.89
C ASP A 314 -18.09 6.02 4.98
N PHE A 315 -17.22 6.82 4.36
CA PHE A 315 -16.19 6.28 3.46
C PHE A 315 -15.24 5.37 4.24
N LEU A 316 -14.75 5.85 5.38
CA LEU A 316 -13.83 5.04 6.20
C LEU A 316 -14.50 3.74 6.61
N ASP A 317 -15.74 3.82 7.05
CA ASP A 317 -16.47 2.65 7.50
C ASP A 317 -16.57 1.57 6.44
N LYS A 318 -16.65 2.00 5.18
CA LYS A 318 -16.77 1.07 4.06
C LYS A 318 -15.44 0.49 3.61
N LEU A 319 -14.35 0.97 4.20
CA LEU A 319 -13.01 0.47 3.88
C LEU A 319 -12.58 -0.50 4.97
N LEU A 320 -12.76 -0.08 6.21
CA LEU A 320 -12.36 -0.90 7.35
C LEU A 320 -13.42 -1.93 7.77
N ARG A 321 -13.49 -3.02 7.02
CA ARG A 321 -14.40 -4.12 7.29
C ARG A 321 -13.52 -5.36 7.47
N TYR A 322 -13.87 -6.24 8.41
CA TYR A 322 -13.10 -7.46 8.61
C TYR A 322 -13.08 -8.26 7.31
N ASP A 323 -14.28 -8.52 6.78
CA ASP A 323 -14.42 -9.28 5.55
C ASP A 323 -13.90 -8.48 4.36
N HIS A 324 -12.78 -8.93 3.82
CA HIS A 324 -12.17 -8.26 2.68
C HIS A 324 -13.12 -8.16 1.50
N GLN A 325 -14.06 -9.11 1.40
CA GLN A 325 -15.01 -9.11 0.29
C GLN A 325 -16.04 -7.99 0.40
N GLU A 326 -16.21 -7.45 1.61
CA GLU A 326 -17.16 -6.38 1.85
C GLU A 326 -16.61 -4.98 1.53
N ARG A 327 -15.30 -4.83 1.61
CA ARG A 327 -14.67 -3.54 1.37
C ARG A 327 -14.91 -2.96 -0.01
N LEU A 328 -14.92 -1.63 -0.08
CA LEU A 328 -15.09 -0.97 -1.36
C LEU A 328 -13.86 -1.32 -2.20
N THR A 329 -14.06 -1.44 -3.51
CA THR A 329 -12.94 -1.69 -4.41
C THR A 329 -12.37 -0.29 -4.62
N ALA A 330 -11.18 -0.19 -5.22
CA ALA A 330 -10.60 1.14 -5.44
C ALA A 330 -11.48 1.97 -6.37
N LEU A 331 -12.08 1.32 -7.36
CA LEU A 331 -12.94 2.03 -8.32
C LEU A 331 -14.18 2.59 -7.59
N GLU A 332 -14.78 1.78 -6.73
CA GLU A 332 -15.94 2.22 -5.96
C GLU A 332 -15.56 3.38 -5.04
N ALA A 333 -14.41 3.24 -4.37
CA ALA A 333 -13.94 4.27 -3.45
C ALA A 333 -13.82 5.62 -4.15
N MET A 334 -13.24 5.62 -5.35
CA MET A 334 -13.05 6.85 -6.12
C MET A 334 -14.39 7.55 -6.42
N THR A 335 -15.47 6.79 -6.52
CA THR A 335 -16.77 7.38 -6.82
C THR A 335 -17.59 7.77 -5.59
N HIS A 336 -17.09 7.46 -4.40
CA HIS A 336 -17.81 7.82 -3.19
C HIS A 336 -17.97 9.35 -3.14
N PRO A 337 -19.15 9.83 -2.72
CA PRO A 337 -19.42 11.27 -2.64
C PRO A 337 -18.37 12.07 -1.85
N TYR A 338 -17.63 11.39 -0.98
CA TYR A 338 -16.59 12.06 -0.20
C TYR A 338 -15.63 12.80 -1.13
N PHE A 339 -15.40 12.25 -2.32
CA PHE A 339 -14.49 12.84 -3.30
C PHE A 339 -15.18 13.67 -4.38
N GLN A 340 -16.46 13.97 -4.21
CA GLN A 340 -17.19 14.70 -5.25
C GLN A 340 -16.54 16.02 -5.71
N GLN A 341 -15.99 16.79 -4.78
CA GLN A 341 -15.37 18.06 -5.16
C GLN A 341 -14.08 17.83 -5.95
N VAL A 342 -13.29 16.83 -5.53
CA VAL A 342 -12.05 16.51 -6.22
C VAL A 342 -12.36 16.09 -7.66
N ARG A 343 -13.41 15.28 -7.83
CA ARG A 343 -13.77 14.82 -9.16
C ARG A 343 -14.24 15.99 -10.03
N ALA A 344 -15.09 16.84 -9.45
CA ALA A 344 -15.62 17.99 -10.17
C ALA A 344 -14.50 18.91 -10.63
N ALA A 345 -13.52 19.15 -9.76
CA ALA A 345 -12.40 20.01 -10.09
C ALA A 345 -11.58 19.41 -11.23
N GLU A 346 -11.43 18.09 -11.21
CA GLU A 346 -10.67 17.38 -12.23
C GLU A 346 -11.35 17.47 -13.59
N ASN A 347 -12.69 17.45 -13.59
CA ASN A 347 -13.45 17.53 -14.83
C ASN A 347 -13.74 18.98 -15.20
#